data_4G5D
#
_entry.id   4G5D
#
_cell.length_a   94.660
_cell.length_b   34.590
_cell.length_c   106.950
_cell.angle_alpha   90.000
_cell.angle_beta   102.980
_cell.angle_gamma   90.000
#
_symmetry.space_group_name_H-M   'P 1 21 1'
#
loop_
_entity.id
_entity.type
_entity.pdbx_description
1 polymer 'Prostaglandin f2-alpha synthase/D-arabinose dehydrogenase'
2 non-polymer 'NADPH DIHYDRO-NICOTINAMIDE-ADENINE-DINUCLEOTIDE PHOSPHATE'
3 water water
#
_entity_poly.entity_id   1
_entity_poly.type   'polypeptide(L)'
_entity_poly.pdbx_seq_one_letter_code
;GPGSMAGVDKAMVTLSNGVKMPQFGLGVWQSPAGEVTENAVKWALCAGYRHIDTAAIYKNEESVGAGLRASGVPREDVFI
TTKLWNTEQGYESTLAAFEESRQKLGVDYIDLYLIHWPRGKDILSKEGKKYLDSWRAFEQLYKEKKVRAIGVSNFHIHHL
EDVLAMCTVTPMVNQVELHPLNNQADLRAFCDAKQIKVEAWSPLGQGKLLSNPILSAIGAKYNKTAAQVILRWNIQKNLI
TIPKSVHRERIEENADIFDFELGAEDVMSIDALNTNSRYGPDPDEAQF
;
_entity_poly.pdbx_strand_id   A,B
#
loop_
_chem_comp.id
_chem_comp.type
_chem_comp.name
_chem_comp.formula
NDP non-polymer 'NADPH DIHYDRO-NICOTINAMIDE-ADENINE-DINUCLEOTIDE PHOSPHATE' 'C21 H30 N7 O17 P3'
#
# COMPACT_ATOMS: atom_id res chain seq x y z
N ALA A 6 -7.55 11.50 -17.74
CA ALA A 6 -6.82 12.33 -16.79
C ALA A 6 -6.44 11.52 -15.56
N GLY A 7 -6.31 10.21 -15.72
CA GLY A 7 -6.02 9.32 -14.61
C GLY A 7 -5.86 7.89 -15.06
N VAL A 8 -5.16 7.09 -14.26
CA VAL A 8 -4.80 5.76 -14.68
C VAL A 8 -6.06 4.90 -14.96
N ASP A 9 -7.12 5.15 -14.22
CA ASP A 9 -8.35 4.38 -14.41
C ASP A 9 -9.21 4.88 -15.57
N LYS A 10 -8.86 6.05 -16.12
CA LYS A 10 -9.71 6.75 -17.11
C LYS A 10 -9.13 6.84 -18.52
N ALA A 11 -7.80 6.81 -18.63
CA ALA A 11 -7.14 6.83 -19.94
C ALA A 11 -7.44 5.57 -20.77
N MET A 12 -8.07 5.75 -21.93
CA MET A 12 -8.49 4.62 -22.76
C MET A 12 -8.01 4.77 -24.20
N VAL A 13 -7.77 3.63 -24.86
CA VAL A 13 -7.57 3.58 -26.31
C VAL A 13 -8.69 2.72 -26.91
N THR A 14 -9.44 3.30 -27.85
CA THR A 14 -10.57 2.61 -28.48
C THR A 14 -10.07 1.74 -29.61
N LEU A 15 -10.33 0.44 -29.52
CA LEU A 15 -9.86 -0.49 -30.55
C LEU A 15 -10.78 -0.40 -31.77
N SER A 16 -10.37 -1.00 -32.87
CA SER A 16 -11.15 -0.87 -34.10
C SER A 16 -12.57 -1.43 -33.98
N ASN A 17 -12.81 -2.33 -33.02
CA ASN A 17 -14.16 -2.87 -32.81
C ASN A 17 -14.95 -2.10 -31.76
N GLY A 18 -14.43 -0.95 -31.31
CA GLY A 18 -15.16 -0.12 -30.34
C GLY A 18 -14.86 -0.40 -28.88
N VAL A 19 -14.18 -1.52 -28.63
CA VAL A 19 -13.78 -1.86 -27.27
C VAL A 19 -12.80 -0.81 -26.71
N LYS A 20 -13.08 -0.33 -25.50
CA LYS A 20 -12.17 0.60 -24.85
C LYS A 20 -11.15 -0.15 -24.00
N MET A 21 -9.90 -0.11 -24.42
CA MET A 21 -8.85 -0.75 -23.66
C MET A 21 -8.09 0.29 -22.84
N PRO A 22 -7.94 0.06 -21.53
CA PRO A 22 -7.22 1.07 -20.76
C PRO A 22 -5.81 1.24 -21.29
N GLN A 23 -5.38 2.48 -21.45
CA GLN A 23 -4.09 2.78 -22.03
C GLN A 23 -2.93 2.31 -21.16
N PHE A 24 -3.18 2.18 -19.86
CA PHE A 24 -2.13 1.90 -18.90
C PHE A 24 -2.51 0.60 -18.18
N GLY A 25 -1.54 -0.30 -18.04
CA GLY A 25 -1.80 -1.58 -17.40
C GLY A 25 -0.60 -2.06 -16.63
N LEU A 26 -0.80 -3.11 -15.84
CA LEU A 26 0.26 -3.78 -15.12
C LEU A 26 0.69 -5.04 -15.83
N GLY A 27 1.99 -5.12 -16.16
CA GLY A 27 2.55 -6.34 -16.73
C GLY A 27 2.92 -7.31 -15.62
N VAL A 28 2.74 -8.61 -15.86
CA VAL A 28 3.11 -9.61 -14.84
C VAL A 28 4.12 -10.69 -15.27
N TRP A 29 4.82 -10.47 -16.38
CA TRP A 29 5.94 -11.34 -16.77
C TRP A 29 6.98 -11.34 -15.67
N GLN A 30 7.42 -12.54 -15.27
CA GLN A 30 8.48 -12.73 -14.28
C GLN A 30 8.03 -12.42 -12.86
N SER A 31 6.76 -12.11 -12.68
CA SER A 31 6.18 -12.05 -11.34
CA SER A 31 6.17 -12.05 -11.34
C SER A 31 5.82 -13.47 -10.90
N PRO A 32 6.45 -13.96 -9.81
CA PRO A 32 6.23 -15.35 -9.37
C PRO A 32 4.74 -15.66 -9.14
N ALA A 33 4.31 -16.87 -9.46
CA ALA A 33 2.96 -17.31 -9.14
C ALA A 33 2.82 -17.29 -7.63
N GLY A 34 1.61 -17.05 -7.14
CA GLY A 34 1.37 -17.07 -5.71
C GLY A 34 1.26 -15.67 -5.16
N GLU A 35 1.77 -15.47 -3.95
CA GLU A 35 1.60 -14.22 -3.23
C GLU A 35 2.09 -12.97 -3.99
N VAL A 36 3.25 -13.06 -4.63
CA VAL A 36 3.86 -11.89 -5.29
C VAL A 36 2.96 -11.34 -6.39
N THR A 37 2.49 -12.22 -7.27
CA THR A 37 1.57 -11.83 -8.32
C THR A 37 0.22 -11.36 -7.74
N GLU A 38 -0.33 -12.11 -6.78
CA GLU A 38 -1.58 -11.70 -6.13
C GLU A 38 -1.51 -10.28 -5.57
N ASN A 39 -0.43 -9.98 -4.83
CA ASN A 39 -0.26 -8.65 -4.26
C ASN A 39 -0.09 -7.58 -5.32
N ALA A 40 0.74 -7.85 -6.32
CA ALA A 40 1.06 -6.86 -7.34
C ALA A 40 -0.24 -6.45 -8.03
N VAL A 41 -1.02 -7.45 -8.40
CA VAL A 41 -2.32 -7.25 -9.04
C VAL A 41 -3.30 -6.52 -8.11
N LYS A 42 -3.36 -6.94 -6.85
CA LYS A 42 -4.27 -6.28 -5.90
C LYS A 42 -3.87 -4.81 -5.70
N TRP A 43 -2.58 -4.56 -5.51
CA TRP A 43 -2.05 -3.21 -5.33
C TRP A 43 -2.29 -2.32 -6.55
N ALA A 44 -2.04 -2.85 -7.74
CA ALA A 44 -2.34 -2.13 -8.98
C ALA A 44 -3.80 -1.69 -9.03
N LEU A 45 -4.71 -2.64 -8.85
CA LEU A 45 -6.13 -2.33 -8.93
C LEU A 45 -6.54 -1.34 -7.86
N CYS A 46 -6.03 -1.51 -6.65
CA CYS A 46 -6.37 -0.57 -5.60
C CYS A 46 -5.81 0.82 -5.92
N ALA A 47 -4.72 0.88 -6.67
CA ALA A 47 -4.17 2.17 -7.07
C ALA A 47 -4.87 2.75 -8.31
N GLY A 48 -5.88 2.04 -8.83
CA GLY A 48 -6.62 2.53 -9.98
C GLY A 48 -6.30 1.94 -11.36
N TYR A 49 -5.36 1.02 -11.42
CA TYR A 49 -5.13 0.34 -12.68
C TYR A 49 -6.40 -0.42 -13.02
N ARG A 50 -6.72 -0.50 -14.30
CA ARG A 50 -7.89 -1.27 -14.72
C ARG A 50 -7.54 -2.30 -15.78
N HIS A 51 -6.27 -2.66 -15.87
CA HIS A 51 -5.80 -3.51 -16.96
C HIS A 51 -4.62 -4.34 -16.45
N ILE A 52 -4.67 -5.65 -16.65
CA ILE A 52 -3.57 -6.52 -16.27
C ILE A 52 -3.14 -7.31 -17.51
N ASP A 53 -1.85 -7.35 -17.76
CA ASP A 53 -1.33 -8.17 -18.85
C ASP A 53 -0.62 -9.45 -18.35
N THR A 54 -1.19 -10.61 -18.66
CA THR A 54 -0.54 -11.87 -18.33
C THR A 54 -0.40 -12.77 -19.55
N ALA A 55 -0.06 -14.04 -19.34
CA ALA A 55 0.13 -14.96 -20.46
C ALA A 55 0.17 -16.36 -19.91
N ALA A 56 -0.23 -17.34 -20.72
CA ALA A 56 -0.17 -18.73 -20.27
C ALA A 56 1.23 -19.10 -19.82
N ILE A 57 2.23 -18.67 -20.58
CA ILE A 57 3.61 -19.06 -20.31
C ILE A 57 4.18 -18.43 -19.04
N TYR A 58 3.52 -17.40 -18.51
CA TYR A 58 3.99 -16.85 -17.25
C TYR A 58 3.55 -17.72 -16.07
N LYS A 59 2.59 -18.62 -16.29
CA LYS A 59 2.14 -19.56 -15.25
C LYS A 59 1.64 -18.88 -13.98
N ASN A 60 1.11 -17.67 -14.12
CA ASN A 60 0.57 -16.94 -12.97
C ASN A 60 -0.84 -16.42 -13.23
N GLU A 61 -1.54 -17.02 -14.19
CA GLU A 61 -2.93 -16.63 -14.47
C GLU A 61 -3.88 -16.88 -13.28
N GLU A 62 -3.68 -17.97 -12.54
CA GLU A 62 -4.55 -18.19 -11.38
C GLU A 62 -4.33 -17.06 -10.37
N SER A 63 -3.08 -16.65 -10.23
CA SER A 63 -2.75 -15.62 -9.26
C SER A 63 -3.34 -14.28 -9.71
N VAL A 64 -3.34 -14.02 -11.02
CA VAL A 64 -3.96 -12.81 -11.53
C VAL A 64 -5.42 -12.79 -11.13
N GLY A 65 -6.11 -13.90 -11.37
CA GLY A 65 -7.52 -14.02 -11.01
C GLY A 65 -7.76 -13.84 -9.51
N ALA A 66 -6.91 -14.46 -8.70
CA ALA A 66 -7.01 -14.30 -7.26
C ALA A 66 -6.82 -12.85 -6.80
N GLY A 67 -5.86 -12.16 -7.41
CA GLY A 67 -5.60 -10.78 -7.06
C GLY A 67 -6.75 -9.86 -7.44
N LEU A 68 -7.32 -10.09 -8.63
CA LEU A 68 -8.53 -9.38 -9.04
C LEU A 68 -9.65 -9.60 -8.01
N ARG A 69 -9.90 -10.86 -7.63
CA ARG A 69 -10.99 -11.13 -6.68
C ARG A 69 -10.73 -10.46 -5.33
N ALA A 70 -9.49 -10.57 -4.86
CA ALA A 70 -9.06 -9.93 -3.62
C ALA A 70 -9.22 -8.41 -3.61
N SER A 71 -9.08 -7.77 -4.77
CA SER A 71 -9.09 -6.31 -4.84
C SER A 71 -10.47 -5.72 -4.53
N GLY A 72 -11.52 -6.50 -4.74
CA GLY A 72 -12.87 -5.98 -4.57
C GLY A 72 -13.39 -5.25 -5.80
N VAL A 73 -12.51 -4.99 -6.77
CA VAL A 73 -12.95 -4.30 -7.98
C VAL A 73 -13.71 -5.27 -8.88
N PRO A 74 -14.95 -4.93 -9.23
CA PRO A 74 -15.80 -5.76 -10.09
C PRO A 74 -15.07 -6.19 -11.36
N ARG A 75 -15.22 -7.45 -11.75
CA ARG A 75 -14.49 -8.00 -12.89
C ARG A 75 -14.84 -7.24 -14.17
N GLU A 76 -16.09 -6.79 -14.28
CA GLU A 76 -16.54 -6.00 -15.43
C GLU A 76 -15.82 -4.64 -15.59
N ASP A 77 -15.24 -4.10 -14.53
CA ASP A 77 -14.45 -2.87 -14.66
C ASP A 77 -12.99 -3.13 -15.03
N VAL A 78 -12.58 -4.38 -15.17
CA VAL A 78 -11.15 -4.68 -15.37
C VAL A 78 -10.91 -5.35 -16.70
N PHE A 79 -9.83 -4.95 -17.38
CA PHE A 79 -9.46 -5.47 -18.69
C PHE A 79 -8.34 -6.48 -18.51
N ILE A 80 -8.62 -7.75 -18.84
CA ILE A 80 -7.62 -8.81 -18.71
C ILE A 80 -7.12 -9.26 -20.07
N THR A 81 -5.81 -9.16 -20.29
CA THR A 81 -5.16 -9.68 -21.50
C THR A 81 -4.42 -10.95 -21.17
N THR A 82 -4.57 -12.00 -21.96
CA THR A 82 -3.63 -13.11 -21.84
C THR A 82 -3.22 -13.58 -23.23
N LYS A 83 -2.35 -14.58 -23.31
CA LYS A 83 -1.72 -14.91 -24.59
C LYS A 83 -1.61 -16.41 -24.82
N LEU A 84 -1.71 -16.78 -26.09
CA LEU A 84 -1.54 -18.16 -26.55
C LEU A 84 -0.05 -18.46 -26.71
N TRP A 85 0.42 -19.52 -26.08
CA TRP A 85 1.85 -19.81 -26.14
C TRP A 85 2.24 -20.50 -27.45
N ASN A 86 3.49 -20.28 -27.85
CA ASN A 86 4.04 -20.69 -29.13
C ASN A 86 3.82 -22.17 -29.40
N THR A 87 3.96 -23.00 -28.36
CA THR A 87 3.85 -24.45 -28.59
C THR A 87 2.42 -24.93 -28.83
N GLU A 88 1.43 -24.06 -28.63
CA GLU A 88 0.01 -24.45 -28.73
C GLU A 88 -0.69 -23.90 -29.97
N GLN A 89 0.07 -23.32 -30.89
CA GLN A 89 -0.52 -22.77 -32.12
C GLN A 89 -1.12 -23.88 -32.99
N GLY A 90 -2.11 -23.50 -33.80
CA GLY A 90 -2.94 -24.48 -34.48
C GLY A 90 -4.39 -24.18 -34.16
N TYR A 91 -5.32 -24.79 -34.88
CA TYR A 91 -6.72 -24.42 -34.69
C TYR A 91 -7.31 -25.02 -33.41
N GLU A 92 -7.43 -26.34 -33.35
CA GLU A 92 -8.05 -26.95 -32.17
C GLU A 92 -7.21 -26.70 -30.93
N SER A 93 -5.89 -26.65 -31.09
CA SER A 93 -5.01 -26.48 -29.93
C SER A 93 -5.14 -25.07 -29.36
N THR A 94 -5.46 -24.09 -30.21
CA THR A 94 -5.67 -22.74 -29.73
C THR A 94 -6.97 -22.65 -28.92
N LEU A 95 -8.01 -23.33 -29.38
CA LEU A 95 -9.27 -23.34 -28.64
C LEU A 95 -9.05 -23.95 -27.24
N ALA A 96 -8.26 -25.02 -27.19
CA ALA A 96 -8.01 -25.71 -25.94
C ALA A 96 -7.19 -24.85 -25.00
N ALA A 97 -6.19 -24.14 -25.55
CA ALA A 97 -5.34 -23.29 -24.73
C ALA A 97 -6.12 -22.11 -24.16
N PHE A 98 -6.99 -21.53 -24.98
CA PHE A 98 -7.85 -20.44 -24.53
C PHE A 98 -8.69 -20.85 -23.33
N GLU A 99 -9.30 -22.04 -23.43
CA GLU A 99 -10.14 -22.55 -22.34
C GLU A 99 -9.35 -22.78 -21.07
N GLU A 100 -8.09 -23.19 -21.22
CA GLU A 100 -7.23 -23.40 -20.05
C GLU A 100 -6.92 -22.07 -19.35
N SER A 101 -6.54 -21.06 -20.13
CA SER A 101 -6.34 -19.71 -19.59
C SER A 101 -7.59 -19.22 -18.88
N ARG A 102 -8.74 -19.35 -19.52
CA ARG A 102 -9.99 -18.86 -18.96
C ARG A 102 -10.28 -19.51 -17.60
N GLN A 103 -10.09 -20.82 -17.53
CA GLN A 103 -10.40 -21.53 -16.31
C GLN A 103 -9.39 -21.16 -15.21
N LYS A 104 -8.15 -20.89 -15.59
CA LYS A 104 -7.14 -20.51 -14.59
C LYS A 104 -7.44 -19.10 -14.08
N LEU A 105 -7.81 -18.21 -14.98
CA LEU A 105 -8.20 -16.85 -14.61
C LEU A 105 -9.48 -16.82 -13.77
N GLY A 106 -10.31 -17.83 -13.92
CA GLY A 106 -11.57 -17.91 -13.18
C GLY A 106 -12.60 -16.95 -13.72
N VAL A 107 -12.59 -16.75 -15.04
CA VAL A 107 -13.50 -15.79 -15.68
C VAL A 107 -14.37 -16.46 -16.73
N ASP A 108 -15.42 -15.76 -17.15
CA ASP A 108 -16.34 -16.27 -18.15
C ASP A 108 -15.94 -15.80 -19.54
N TYR A 109 -15.23 -14.69 -19.59
CA TYR A 109 -14.75 -14.12 -20.84
C TYR A 109 -13.42 -13.48 -20.56
N ILE A 110 -12.61 -13.37 -21.61
CA ILE A 110 -11.33 -12.71 -21.53
C ILE A 110 -11.42 -11.44 -22.35
N ASP A 111 -10.76 -10.37 -21.92
CA ASP A 111 -10.90 -9.12 -22.65
C ASP A 111 -10.11 -9.14 -23.94
N LEU A 112 -8.83 -9.53 -23.86
CA LEU A 112 -8.00 -9.55 -25.06
C LEU A 112 -7.17 -10.81 -25.05
N TYR A 113 -7.16 -11.49 -26.19
CA TYR A 113 -6.35 -12.67 -26.38
C TYR A 113 -5.38 -12.38 -27.51
N LEU A 114 -4.09 -12.70 -27.29
CA LEU A 114 -3.01 -12.43 -28.24
C LEU A 114 -2.25 -13.68 -28.62
N ILE A 115 -1.86 -13.79 -29.89
CA ILE A 115 -0.85 -14.76 -30.29
C ILE A 115 0.47 -14.23 -29.75
N HIS A 116 1.15 -14.99 -28.89
CA HIS A 116 2.30 -14.47 -28.14
C HIS A 116 3.49 -14.14 -29.04
N TRP A 117 3.82 -15.04 -29.98
CA TRP A 117 4.88 -14.81 -30.97
C TRP A 117 4.47 -15.46 -32.27
N PRO A 118 4.96 -14.93 -33.40
CA PRO A 118 4.73 -15.64 -34.67
C PRO A 118 5.52 -16.94 -34.73
N ARG A 119 6.61 -16.97 -33.95
CA ARG A 119 7.70 -17.97 -33.96
C ARG A 119 8.74 -17.63 -35.01
N GLY A 120 10.00 -17.96 -34.73
CA GLY A 120 11.11 -17.60 -35.61
C GLY A 120 11.09 -18.20 -37.01
N LYS A 121 11.80 -17.54 -37.93
CA LYS A 121 11.78 -17.88 -39.35
C LYS A 121 12.16 -19.33 -39.64
N ASP A 122 13.05 -19.90 -38.84
CA ASP A 122 13.44 -21.29 -39.07
C ASP A 122 12.31 -22.24 -38.72
N ILE A 123 11.61 -21.95 -37.63
CA ILE A 123 10.47 -22.77 -37.23
C ILE A 123 9.35 -22.63 -38.25
N LEU A 124 9.14 -21.42 -38.74
CA LEU A 124 8.10 -21.16 -39.74
C LEU A 124 8.38 -21.93 -41.02
N SER A 125 9.66 -22.03 -41.37
CA SER A 125 10.06 -22.69 -42.59
C SER A 125 9.86 -24.21 -42.48
N LYS A 126 10.02 -24.74 -41.27
CA LYS A 126 9.91 -26.19 -41.10
C LYS A 126 8.48 -26.58 -40.77
N GLU A 127 7.78 -25.74 -40.01
CA GLU A 127 6.47 -26.11 -39.50
C GLU A 127 5.30 -25.36 -40.14
N GLY A 128 5.60 -24.35 -40.97
CA GLY A 128 4.55 -23.52 -41.57
C GLY A 128 4.10 -22.42 -40.63
N LYS A 129 3.32 -21.48 -41.15
CA LYS A 129 2.84 -20.35 -40.36
C LYS A 129 1.58 -20.75 -39.60
N LYS A 130 1.79 -21.47 -38.49
CA LYS A 130 0.68 -21.96 -37.67
C LYS A 130 -0.05 -20.80 -37.03
N TYR A 131 0.52 -19.60 -37.07
CA TYR A 131 -0.18 -18.46 -36.52
C TYR A 131 -1.41 -18.12 -37.33
N LEU A 132 -1.43 -18.47 -38.61
CA LEU A 132 -2.64 -18.21 -39.38
C LEU A 132 -3.85 -19.05 -38.91
N ASP A 133 -3.65 -20.35 -38.69
CA ASP A 133 -4.76 -21.19 -38.24
C ASP A 133 -5.10 -20.83 -36.78
N SER A 134 -4.10 -20.37 -36.03
CA SER A 134 -4.40 -19.85 -34.71
C SER A 134 -5.33 -18.65 -34.83
N TRP A 135 -5.06 -17.77 -35.79
CA TRP A 135 -5.88 -16.58 -35.96
C TRP A 135 -7.32 -17.00 -36.30
N ARG A 136 -7.47 -18.01 -37.16
CA ARG A 136 -8.81 -18.53 -37.46
C ARG A 136 -9.55 -19.00 -36.20
N ALA A 137 -8.82 -19.62 -35.28
CA ALA A 137 -9.40 -19.99 -33.99
C ALA A 137 -9.78 -18.74 -33.18
N PHE A 138 -8.92 -17.73 -33.17
CA PHE A 138 -9.26 -16.46 -32.49
C PHE A 138 -10.53 -15.88 -33.07
N GLU A 139 -10.68 -15.94 -34.39
CA GLU A 139 -11.89 -15.42 -35.02
C GLU A 139 -13.14 -16.17 -34.55
N GLN A 140 -13.05 -17.50 -34.42
CA GLN A 140 -14.19 -18.26 -33.94
C GLN A 140 -14.51 -17.89 -32.49
N LEU A 141 -13.45 -17.74 -31.66
CA LEU A 141 -13.66 -17.41 -30.24
C LEU A 141 -14.35 -16.08 -30.12
N TYR A 142 -13.99 -15.15 -31.02
CA TYR A 142 -14.54 -13.79 -31.02
C TYR A 142 -16.00 -13.84 -31.48
N LYS A 143 -16.26 -14.60 -32.53
CA LYS A 143 -17.63 -14.84 -33.02
C LYS A 143 -18.55 -15.39 -31.92
N GLU A 144 -18.00 -16.27 -31.08
CA GLU A 144 -18.75 -16.91 -30.02
C GLU A 144 -18.81 -16.08 -28.73
N LYS A 145 -18.32 -14.85 -28.81
CA LYS A 145 -18.36 -13.87 -27.69
C LYS A 145 -17.58 -14.32 -26.46
N LYS A 146 -16.59 -15.18 -26.68
CA LYS A 146 -15.80 -15.73 -25.58
C LYS A 146 -14.69 -14.77 -25.21
N VAL A 147 -14.37 -13.88 -26.15
CA VAL A 147 -13.30 -12.90 -25.99
C VAL A 147 -13.76 -11.59 -26.62
N ARG A 148 -13.42 -10.46 -25.98
CA ARG A 148 -13.94 -9.16 -26.40
C ARG A 148 -13.14 -8.53 -27.54
N ALA A 149 -11.90 -8.94 -27.69
CA ALA A 149 -11.01 -8.39 -28.71
C ALA A 149 -9.90 -9.38 -28.96
N ILE A 150 -9.30 -9.34 -30.14
CA ILE A 150 -8.26 -10.28 -30.50
C ILE A 150 -7.13 -9.56 -31.20
N GLY A 151 -5.91 -10.03 -30.97
CA GLY A 151 -4.76 -9.39 -31.57
C GLY A 151 -3.54 -10.28 -31.51
N VAL A 152 -2.38 -9.66 -31.72
CA VAL A 152 -1.17 -10.45 -31.84
C VAL A 152 -0.08 -9.74 -31.05
N SER A 153 1.07 -10.39 -30.93
CA SER A 153 2.18 -9.80 -30.22
C SER A 153 3.45 -10.21 -30.95
N ASN A 154 4.41 -9.28 -31.05
CA ASN A 154 5.67 -9.54 -31.73
C ASN A 154 5.56 -9.83 -33.23
N PHE A 155 4.56 -9.26 -33.87
CA PHE A 155 4.43 -9.40 -35.30
C PHE A 155 5.09 -8.22 -35.98
N HIS A 156 5.98 -8.50 -36.94
CA HIS A 156 6.55 -7.48 -37.82
C HIS A 156 5.56 -7.20 -38.94
N ILE A 157 5.82 -6.17 -39.76
CA ILE A 157 4.93 -5.84 -40.87
C ILE A 157 4.63 -7.07 -41.74
N HIS A 158 5.65 -7.87 -42.03
CA HIS A 158 5.44 -9.02 -42.90
C HIS A 158 4.55 -10.10 -42.29
N HIS A 159 4.60 -10.28 -40.97
CA HIS A 159 3.70 -11.25 -40.33
C HIS A 159 2.28 -10.69 -40.40
N LEU A 160 2.16 -9.38 -40.22
CA LEU A 160 0.85 -8.72 -40.23
C LEU A 160 0.22 -8.81 -41.62
N GLU A 161 1.03 -8.63 -42.67
CA GLU A 161 0.52 -8.76 -44.03
C GLU A 161 -0.01 -10.16 -44.28
N ASP A 162 0.62 -11.16 -43.66
CA ASP A 162 0.17 -12.54 -43.82
C ASP A 162 -1.24 -12.71 -43.25
N VAL A 163 -1.46 -12.20 -42.05
CA VAL A 163 -2.80 -12.25 -41.43
C VAL A 163 -3.79 -11.39 -42.20
N LEU A 164 -3.40 -10.21 -42.64
CA LEU A 164 -4.32 -9.29 -43.31
C LEU A 164 -4.84 -9.90 -44.62
N ALA A 165 -4.02 -10.76 -45.22
CA ALA A 165 -4.37 -11.40 -46.48
C ALA A 165 -5.44 -12.48 -46.32
N MET A 166 -5.59 -13.02 -45.10
CA MET A 166 -6.55 -14.11 -44.87
C MET A 166 -7.66 -13.79 -43.88
N CYS A 167 -7.58 -12.67 -43.18
CA CYS A 167 -8.48 -12.45 -42.04
C CYS A 167 -9.90 -12.02 -42.38
N THR A 168 -10.84 -12.41 -41.50
CA THR A 168 -12.20 -11.90 -41.53
C THR A 168 -12.34 -10.80 -40.46
N VAL A 169 -11.48 -10.88 -39.44
CA VAL A 169 -11.37 -9.83 -38.41
C VAL A 169 -9.92 -9.38 -38.35
N THR A 170 -9.68 -8.07 -38.47
CA THR A 170 -8.34 -7.50 -38.41
C THR A 170 -7.85 -7.52 -36.97
N PRO A 171 -6.60 -7.96 -36.74
CA PRO A 171 -6.00 -7.91 -35.40
C PRO A 171 -6.14 -6.50 -34.82
N MET A 172 -6.52 -6.43 -33.55
CA MET A 172 -6.90 -5.16 -32.97
C MET A 172 -5.74 -4.52 -32.21
N VAL A 173 -4.82 -5.35 -31.74
CA VAL A 173 -3.65 -4.91 -31.04
C VAL A 173 -2.44 -5.67 -31.55
N ASN A 174 -1.28 -5.02 -31.57
CA ASN A 174 0.02 -5.66 -31.77
C ASN A 174 0.93 -5.20 -30.64
N GLN A 175 1.26 -6.10 -29.72
CA GLN A 175 2.08 -5.77 -28.57
C GLN A 175 3.53 -6.14 -28.91
N VAL A 176 4.41 -5.15 -28.91
CA VAL A 176 5.80 -5.34 -29.31
C VAL A 176 6.74 -4.63 -28.38
N GLU A 177 8.01 -5.06 -28.37
CA GLU A 177 9.00 -4.35 -27.57
C GLU A 177 9.10 -2.90 -28.05
N LEU A 178 8.78 -1.96 -27.17
CA LEU A 178 8.81 -0.55 -27.58
C LEU A 178 9.26 0.32 -26.40
N HIS A 179 10.33 1.09 -26.61
CA HIS A 179 10.88 1.98 -25.58
C HIS A 179 11.80 2.96 -26.28
N PRO A 180 12.40 3.93 -25.55
CA PRO A 180 13.14 4.93 -26.33
C PRO A 180 14.37 4.44 -27.09
N LEU A 181 14.90 3.24 -26.84
CA LEU A 181 16.01 2.76 -27.67
C LEU A 181 15.53 1.89 -28.83
N ASN A 182 14.25 1.56 -28.84
CA ASN A 182 13.64 0.74 -29.89
C ASN A 182 12.21 1.26 -30.09
N ASN A 183 12.08 2.36 -30.83
CA ASN A 183 10.81 3.08 -30.91
C ASN A 183 9.73 2.53 -31.86
N GLN A 184 10.11 1.54 -32.69
CA GLN A 184 9.18 0.89 -33.63
C GLN A 184 8.45 1.87 -34.54
N ALA A 185 9.15 2.91 -35.00
CA ALA A 185 8.50 3.92 -35.85
C ALA A 185 7.84 3.34 -37.10
N ASP A 186 8.55 2.48 -37.83
CA ASP A 186 7.98 1.96 -39.08
C ASP A 186 6.78 1.05 -38.83
N LEU A 187 6.87 0.20 -37.81
CA LEU A 187 5.74 -0.67 -37.49
C LEU A 187 4.53 0.16 -37.06
N ARG A 188 4.76 1.23 -36.30
CA ARG A 188 3.65 2.08 -35.87
C ARG A 188 2.93 2.74 -37.05
N ALA A 189 3.71 3.15 -38.05
CA ALA A 189 3.14 3.79 -39.24
C ALA A 189 2.24 2.80 -39.94
N PHE A 190 2.70 1.55 -40.04
CA PHE A 190 1.89 0.52 -40.69
C PHE A 190 0.64 0.22 -39.88
N CYS A 191 0.83 0.03 -38.58
CA CYS A 191 -0.31 -0.32 -37.73
C CYS A 191 -1.35 0.80 -37.73
N ASP A 192 -0.91 2.05 -37.78
CA ASP A 192 -1.85 3.15 -37.85
C ASP A 192 -2.69 3.01 -39.11
N ALA A 193 -2.05 2.66 -40.22
CA ALA A 193 -2.76 2.57 -41.49
C ALA A 193 -3.84 1.51 -41.44
N LYS A 194 -3.56 0.43 -40.71
CA LYS A 194 -4.46 -0.73 -40.65
C LYS A 194 -5.38 -0.73 -39.43
N GLN A 195 -5.40 0.37 -38.66
CA GLN A 195 -6.17 0.44 -37.41
C GLN A 195 -5.81 -0.66 -36.40
N ILE A 196 -4.52 -0.94 -36.26
CA ILE A 196 -4.03 -1.88 -35.28
C ILE A 196 -3.38 -1.04 -34.20
N LYS A 197 -3.88 -1.12 -32.97
CA LYS A 197 -3.28 -0.33 -31.89
C LYS A 197 -1.98 -0.99 -31.45
N VAL A 198 -0.96 -0.16 -31.21
CA VAL A 198 0.33 -0.67 -30.80
C VAL A 198 0.45 -0.57 -29.27
N GLU A 199 0.91 -1.65 -28.65
CA GLU A 199 1.07 -1.70 -27.20
C GLU A 199 2.52 -1.99 -26.88
N ALA A 200 3.11 -1.24 -25.94
CA ALA A 200 4.53 -1.39 -25.66
C ALA A 200 4.82 -2.41 -24.57
N TRP A 201 5.56 -3.46 -24.92
CA TRP A 201 6.17 -4.30 -23.90
C TRP A 201 7.62 -3.92 -23.57
N SER A 202 8.09 -4.37 -22.41
CA SER A 202 9.32 -3.83 -21.82
C SER A 202 9.47 -2.30 -21.97
N PRO A 203 8.42 -1.55 -21.63
CA PRO A 203 8.44 -0.11 -21.85
C PRO A 203 9.54 0.60 -21.04
N LEU A 204 9.95 0.02 -19.91
CA LEU A 204 11.01 0.62 -19.12
C LEU A 204 12.34 -0.04 -19.48
N GLY A 205 12.32 -0.82 -20.56
CA GLY A 205 13.50 -1.53 -21.01
C GLY A 205 13.94 -2.53 -19.97
N GLN A 206 12.97 -3.17 -19.34
CA GLN A 206 13.21 -4.22 -18.36
C GLN A 206 14.01 -3.66 -17.19
N GLY A 207 13.90 -2.35 -17.01
CA GLY A 207 14.58 -1.66 -15.91
C GLY A 207 15.91 -1.05 -16.32
N LYS A 208 16.44 -1.46 -17.48
CA LYS A 208 17.82 -1.13 -17.85
C LYS A 208 17.95 0.32 -18.32
N LEU A 209 16.81 0.91 -18.70
CA LEU A 209 16.80 2.29 -19.19
C LEU A 209 16.74 3.33 -18.07
N LEU A 210 16.53 2.90 -16.83
CA LEU A 210 16.13 3.84 -15.80
C LEU A 210 17.29 4.65 -15.25
N SER A 211 18.52 4.27 -15.62
CA SER A 211 19.70 5.04 -15.24
C SER A 211 20.12 6.01 -16.34
N ASN A 212 19.34 6.07 -17.42
CA ASN A 212 19.66 6.96 -18.53
C ASN A 212 19.71 8.43 -18.12
N PRO A 213 20.87 9.08 -18.35
CA PRO A 213 21.16 10.48 -17.99
C PRO A 213 20.12 11.46 -18.52
N ILE A 214 19.85 11.38 -19.82
CA ILE A 214 18.91 12.29 -20.49
C ILE A 214 17.51 12.14 -19.90
N LEU A 215 17.04 10.90 -19.80
CA LEU A 215 15.72 10.64 -19.23
C LEU A 215 15.60 11.15 -17.78
N SER A 216 16.59 10.84 -16.94
CA SER A 216 16.55 11.31 -15.56
C SER A 216 16.58 12.82 -15.49
N ALA A 217 17.34 13.45 -16.38
CA ALA A 217 17.46 14.90 -16.37
C ALA A 217 16.14 15.57 -16.79
N ILE A 218 15.45 14.97 -17.76
CA ILE A 218 14.13 15.43 -18.17
C ILE A 218 13.17 15.33 -16.99
N GLY A 219 13.20 14.18 -16.31
CA GLY A 219 12.36 13.95 -15.16
C GLY A 219 12.53 14.97 -14.05
N ALA A 220 13.79 15.30 -13.78
CA ALA A 220 14.12 16.28 -12.76
C ALA A 220 13.42 17.63 -13.01
N LYS A 221 13.25 17.99 -14.28
CA LYS A 221 12.52 19.22 -14.61
C LYS A 221 11.08 19.22 -14.08
N TYR A 222 10.51 18.04 -13.92
CA TYR A 222 9.10 17.90 -13.54
C TYR A 222 8.91 17.22 -12.15
N ASN A 223 10.00 17.03 -11.41
CA ASN A 223 9.96 16.24 -10.17
CA ASN A 223 9.96 16.24 -10.17
C ASN A 223 9.41 14.85 -10.41
N LYS A 224 9.79 14.27 -11.55
CA LYS A 224 9.39 12.91 -11.91
C LYS A 224 10.62 12.04 -12.08
N THR A 225 10.43 10.72 -12.03
CA THR A 225 11.53 9.81 -12.24
C THR A 225 11.67 9.48 -13.72
N ALA A 226 12.78 8.85 -14.07
CA ALA A 226 13.01 8.42 -15.44
C ALA A 226 11.90 7.48 -15.89
N ALA A 227 11.46 6.59 -15.01
CA ALA A 227 10.38 5.68 -15.38
C ALA A 227 9.12 6.45 -15.72
N GLN A 228 8.80 7.47 -14.92
CA GLN A 228 7.60 8.27 -15.17
C GLN A 228 7.69 9.04 -16.49
N VAL A 229 8.87 9.54 -16.83
CA VAL A 229 9.10 10.17 -18.14
C VAL A 229 8.86 9.21 -19.31
N ILE A 230 9.41 8.01 -19.23
CA ILE A 230 9.18 7.08 -20.31
C ILE A 230 7.69 6.79 -20.47
N LEU A 231 7.00 6.52 -19.37
CA LEU A 231 5.61 6.17 -19.46
C LEU A 231 4.75 7.35 -19.91
N ARG A 232 5.12 8.57 -19.53
CA ARG A 232 4.41 9.75 -20.02
C ARG A 232 4.65 9.93 -21.52
N TRP A 233 5.85 9.61 -21.98
CA TRP A 233 6.16 9.59 -23.39
C TRP A 233 5.28 8.57 -24.13
N ASN A 234 5.15 7.34 -23.58
CA ASN A 234 4.22 6.35 -24.14
C ASN A 234 2.83 6.96 -24.33
N ILE A 235 2.29 7.55 -23.26
CA ILE A 235 0.94 8.13 -23.28
C ILE A 235 0.81 9.20 -24.37
N GLN A 236 1.79 10.10 -24.44
CA GLN A 236 1.72 11.18 -25.41
C GLN A 236 1.91 10.72 -26.87
N LYS A 237 2.50 9.54 -27.04
CA LYS A 237 2.60 8.92 -28.36
C LYS A 237 1.38 8.04 -28.63
N ASN A 238 0.35 8.12 -27.79
CA ASN A 238 -0.90 7.37 -27.97
C ASN A 238 -0.68 5.86 -27.96
N LEU A 239 0.28 5.41 -27.17
CA LEU A 239 0.55 3.97 -27.08
C LEU A 239 -0.09 3.41 -25.84
N ILE A 240 -0.39 2.11 -25.89
CA ILE A 240 -0.81 1.36 -24.73
C ILE A 240 0.46 0.87 -24.06
N THR A 241 0.53 0.96 -22.74
CA THR A 241 1.75 0.57 -22.05
C THR A 241 1.48 -0.21 -20.76
N ILE A 242 2.34 -1.20 -20.50
CA ILE A 242 2.13 -2.15 -19.41
C ILE A 242 3.36 -2.40 -18.54
N PRO A 243 3.87 -1.34 -17.89
CA PRO A 243 5.06 -1.53 -17.05
C PRO A 243 4.83 -2.58 -15.97
N LYS A 244 5.86 -3.35 -15.64
CA LYS A 244 5.82 -4.40 -14.63
C LYS A 244 6.61 -3.98 -13.40
N SER A 245 6.01 -4.20 -12.22
CA SER A 245 6.76 -4.22 -10.98
C SER A 245 6.06 -5.14 -10.00
N VAL A 246 6.83 -5.72 -9.09
CA VAL A 246 6.23 -6.48 -8.01
C VAL A 246 6.20 -5.67 -6.73
N HIS A 247 6.69 -4.43 -6.80
CA HIS A 247 6.80 -3.56 -5.61
C HIS A 247 5.69 -2.51 -5.59
N ARG A 248 4.98 -2.42 -4.48
CA ARG A 248 3.83 -1.53 -4.39
C ARG A 248 4.19 -0.07 -4.69
N GLU A 249 5.32 0.38 -4.17
CA GLU A 249 5.72 1.77 -4.35
C GLU A 249 5.99 2.11 -5.81
N ARG A 250 6.57 1.16 -6.55
CA ARG A 250 6.84 1.40 -7.97
C ARG A 250 5.59 1.31 -8.81
N ILE A 251 4.70 0.41 -8.42
CA ILE A 251 3.40 0.29 -9.07
C ILE A 251 2.66 1.62 -8.97
N GLU A 252 2.69 2.24 -7.79
CA GLU A 252 1.99 3.50 -7.64
C GLU A 252 2.70 4.64 -8.36
N GLU A 253 4.04 4.65 -8.28
CA GLU A 253 4.86 5.65 -8.95
C GLU A 253 4.61 5.63 -10.45
N ASN A 254 4.67 4.44 -11.04
CA ASN A 254 4.52 4.32 -12.49
C ASN A 254 3.21 4.89 -13.03
N ALA A 255 2.15 4.73 -12.24
CA ALA A 255 0.83 5.25 -12.62
C ALA A 255 0.66 6.76 -12.41
N ASP A 256 1.57 7.39 -11.69
CA ASP A 256 1.41 8.81 -11.33
C ASP A 256 2.02 9.70 -12.40
N ILE A 257 1.43 9.66 -13.59
CA ILE A 257 1.95 10.39 -14.75
C ILE A 257 0.88 11.24 -15.42
N PHE A 258 -0.23 11.46 -14.74
CA PHE A 258 -1.31 12.21 -15.35
C PHE A 258 -1.45 13.57 -14.70
N ASP A 259 -0.39 13.97 -14.00
CA ASP A 259 -0.32 15.31 -13.41
C ASP A 259 0.80 16.16 -14.05
N PHE A 260 1.31 15.72 -15.19
CA PHE A 260 2.31 16.52 -15.92
C PHE A 260 2.30 16.18 -17.40
N GLU A 261 2.96 17.00 -18.21
CA GLU A 261 3.11 16.67 -19.63
C GLU A 261 4.49 17.04 -20.15
N LEU A 262 5.03 16.18 -21.01
CA LEU A 262 6.30 16.45 -21.67
C LEU A 262 6.14 17.47 -22.78
N GLY A 263 6.95 18.53 -22.73
CA GLY A 263 6.94 19.53 -23.78
C GLY A 263 7.50 18.98 -25.08
N ALA A 264 7.42 19.79 -26.13
CA ALA A 264 7.90 19.40 -27.46
C ALA A 264 9.38 19.04 -27.49
N GLU A 265 10.23 19.88 -26.90
CA GLU A 265 11.67 19.61 -26.91
C GLU A 265 12.01 18.32 -26.19
N ASP A 266 11.39 18.09 -25.04
CA ASP A 266 11.60 16.85 -24.32
C ASP A 266 11.23 15.63 -25.15
N VAL A 267 10.06 15.66 -25.78
CA VAL A 267 9.66 14.56 -26.68
C VAL A 267 10.69 14.36 -27.78
N MET A 268 11.19 15.44 -28.35
CA MET A 268 12.20 15.36 -29.40
CA MET A 268 12.19 15.34 -29.41
C MET A 268 13.46 14.66 -28.89
N SER A 269 13.88 15.02 -27.66
CA SER A 269 15.10 14.46 -27.06
CA SER A 269 15.11 14.45 -27.11
C SER A 269 15.00 12.98 -26.76
N ILE A 270 13.79 12.54 -26.36
CA ILE A 270 13.52 11.12 -26.13
C ILE A 270 13.48 10.38 -27.50
N ASP A 271 12.89 11.00 -28.51
CA ASP A 271 12.83 10.37 -29.83
C ASP A 271 14.24 10.18 -30.41
N ALA A 272 15.15 11.09 -30.06
CA ALA A 272 16.54 11.03 -30.54
C ALA A 272 17.31 9.85 -29.94
N LEU A 273 16.73 9.21 -28.94
CA LEU A 273 17.48 8.16 -28.27
C LEU A 273 17.43 6.85 -29.03
N ASN A 274 16.60 6.77 -30.07
CA ASN A 274 16.38 5.49 -30.73
C ASN A 274 17.63 4.92 -31.38
N THR A 275 17.88 3.64 -31.16
CA THR A 275 19.00 2.99 -31.82
C THR A 275 18.58 1.66 -32.43
N ASN A 276 17.27 1.39 -32.43
CA ASN A 276 16.72 0.09 -32.83
C ASN A 276 17.41 -1.04 -32.08
N SER A 277 17.64 -0.85 -30.79
CA SER A 277 18.29 -1.85 -29.96
CA SER A 277 18.29 -1.85 -29.97
C SER A 277 17.29 -2.58 -29.08
N ARG A 278 17.21 -3.90 -29.23
CA ARG A 278 16.27 -4.73 -28.45
C ARG A 278 16.88 -5.30 -27.18
N TYR A 279 16.11 -5.33 -26.10
CA TYR A 279 16.46 -6.12 -24.92
C TYR A 279 15.91 -7.54 -25.05
N GLY A 280 14.89 -7.69 -25.87
CA GLY A 280 14.21 -8.96 -26.02
C GLY A 280 14.56 -9.59 -27.36
N PRO A 281 14.04 -10.81 -27.59
CA PRO A 281 14.34 -11.50 -28.85
C PRO A 281 13.73 -10.79 -30.07
N ASP A 282 14.44 -10.82 -31.20
CA ASP A 282 13.89 -10.40 -32.48
C ASP A 282 12.95 -11.52 -32.92
N PRO A 283 11.68 -11.18 -33.20
CA PRO A 283 10.68 -12.18 -33.60
C PRO A 283 11.08 -12.96 -34.87
N ASP A 284 11.87 -12.35 -35.75
CA ASP A 284 12.30 -13.05 -36.97
C ASP A 284 13.35 -14.11 -36.70
N GLU A 285 14.20 -13.83 -35.71
CA GLU A 285 15.38 -14.65 -35.46
C GLU A 285 15.22 -15.64 -34.30
N ALA A 286 14.17 -15.48 -33.50
CA ALA A 286 13.92 -16.36 -32.33
C ALA A 286 14.02 -17.82 -32.69
N GLN A 287 14.71 -18.60 -31.89
CA GLN A 287 14.67 -20.05 -32.10
C GLN A 287 13.69 -20.65 -31.10
N PHE A 288 12.49 -20.06 -31.05
CA PHE A 288 11.37 -20.64 -30.32
C PHE A 288 10.07 -20.07 -30.89
N GLY B 7 -15.02 3.82 10.77
CA GLY B 7 -13.77 3.56 10.07
C GLY B 7 -12.63 4.09 10.90
N VAL B 8 -11.40 3.80 10.50
CA VAL B 8 -10.25 4.20 11.31
C VAL B 8 -10.15 5.72 11.47
N ASP B 9 -10.58 6.47 10.46
CA ASP B 9 -10.53 7.94 10.55
C ASP B 9 -11.67 8.56 11.36
N LYS B 10 -12.71 7.76 11.63
CA LYS B 10 -13.92 8.28 12.27
C LYS B 10 -14.18 7.79 13.70
N ALA B 11 -13.61 6.65 14.09
CA ALA B 11 -13.83 6.13 15.44
C ALA B 11 -13.14 7.02 16.48
N MET B 12 -13.92 7.61 17.38
CA MET B 12 -13.41 8.56 18.38
C MET B 12 -13.77 8.16 19.81
N VAL B 13 -12.91 8.53 20.75
CA VAL B 13 -13.21 8.48 22.19
C VAL B 13 -13.19 9.92 22.70
N THR B 14 -14.28 10.37 23.33
CA THR B 14 -14.35 11.75 23.78
C THR B 14 -13.76 11.82 25.18
N LEU B 15 -12.75 12.68 25.36
CA LEU B 15 -12.07 12.78 26.65
C LEU B 15 -12.93 13.63 27.57
N SER B 16 -12.59 13.69 28.85
CA SER B 16 -13.47 14.36 29.80
C SER B 16 -13.61 15.86 29.52
N ASN B 17 -12.63 16.45 28.81
CA ASN B 17 -12.74 17.87 28.46
C ASN B 17 -13.36 18.10 27.08
N GLY B 18 -13.97 17.05 26.54
CA GLY B 18 -14.69 17.17 25.28
C GLY B 18 -13.86 16.95 24.04
N VAL B 19 -12.55 16.83 24.21
CA VAL B 19 -11.65 16.63 23.06
C VAL B 19 -11.88 15.25 22.47
N LYS B 20 -12.03 15.17 21.16
CA LYS B 20 -12.25 13.85 20.56
C LYS B 20 -10.91 13.27 20.13
N MET B 21 -10.54 12.15 20.75
CA MET B 21 -9.27 11.51 20.43
C MET B 21 -9.56 10.28 19.58
N PRO B 22 -8.90 10.16 18.42
CA PRO B 22 -9.17 9.00 17.56
C PRO B 22 -8.85 7.73 18.33
N GLN B 23 -9.77 6.76 18.28
CA GLN B 23 -9.66 5.55 19.07
C GLN B 23 -8.52 4.68 18.59
N PHE B 24 -8.12 4.88 17.33
CA PHE B 24 -7.08 4.08 16.71
C PHE B 24 -5.93 4.99 16.26
N GLY B 25 -4.69 4.56 16.52
CA GLY B 25 -3.54 5.33 16.13
C GLY B 25 -2.33 4.46 15.85
N LEU B 26 -1.30 5.06 15.25
CA LEU B 26 -0.04 4.38 14.99
C LEU B 26 0.97 4.68 16.09
N GLY B 27 1.54 3.64 16.69
CA GLY B 27 2.64 3.82 17.61
C GLY B 27 3.96 3.81 16.85
N VAL B 28 4.95 4.57 17.32
CA VAL B 28 6.25 4.65 16.66
C VAL B 28 7.44 4.39 17.60
N TRP B 29 7.19 3.77 18.74
CA TRP B 29 8.32 3.33 19.60
C TRP B 29 9.14 2.29 18.82
N GLN B 30 10.45 2.47 18.81
CA GLN B 30 11.42 1.61 18.13
C GLN B 30 11.38 1.70 16.61
N SER B 31 10.60 2.65 16.09
CA SER B 31 10.72 3.00 14.68
C SER B 31 11.90 3.97 14.51
N PRO B 32 12.90 3.58 13.72
CA PRO B 32 14.10 4.41 13.59
C PRO B 32 13.77 5.82 13.11
N ALA B 33 14.48 6.82 13.62
CA ALA B 33 14.32 8.17 13.12
C ALA B 33 14.74 8.17 11.67
N GLY B 34 14.16 9.07 10.88
CA GLY B 34 14.51 9.12 9.48
C GLY B 34 13.42 8.55 8.60
N GLU B 35 13.82 7.92 7.50
CA GLU B 35 12.87 7.46 6.50
C GLU B 35 11.88 6.44 7.04
N VAL B 36 12.32 5.57 7.94
CA VAL B 36 11.44 4.52 8.42
C VAL B 36 10.22 5.08 9.15
N THR B 37 10.44 6.03 10.06
CA THR B 37 9.31 6.69 10.74
C THR B 37 8.53 7.60 9.81
N GLU B 38 9.25 8.32 8.94
CA GLU B 38 8.58 9.17 7.97
C GLU B 38 7.59 8.36 7.14
N ASN B 39 8.06 7.24 6.57
CA ASN B 39 7.19 6.38 5.76
C ASN B 39 6.02 5.75 6.53
N ALA B 40 6.29 5.24 7.73
CA ALA B 40 5.25 4.63 8.53
C ALA B 40 4.14 5.64 8.83
N VAL B 41 4.54 6.84 9.25
CA VAL B 41 3.57 7.90 9.50
C VAL B 41 2.78 8.28 8.24
N LYS B 42 3.48 8.50 7.13
CA LYS B 42 2.83 8.86 5.88
C LYS B 42 1.88 7.76 5.44
N TRP B 43 2.29 6.50 5.56
CA TRP B 43 1.43 5.40 5.12
C TRP B 43 0.19 5.28 6.00
N ALA B 44 0.38 5.47 7.29
CA ALA B 44 -0.72 5.38 8.24
C ALA B 44 -1.74 6.45 7.89
N LEU B 45 -1.28 7.68 7.78
CA LEU B 45 -2.16 8.82 7.47
C LEU B 45 -2.89 8.62 6.16
N CYS B 46 -2.18 8.15 5.15
CA CYS B 46 -2.80 7.89 3.86
C CYS B 46 -3.82 6.76 3.95
N ALA B 47 -3.58 5.78 4.82
CA ALA B 47 -4.54 4.70 5.09
C ALA B 47 -5.76 5.15 5.92
N GLY B 48 -5.71 6.36 6.47
CA GLY B 48 -6.84 6.88 7.21
C GLY B 48 -6.65 7.02 8.71
N TYR B 49 -5.48 6.62 9.21
CA TYR B 49 -5.16 6.92 10.61
C TYR B 49 -5.16 8.43 10.81
N ARG B 50 -5.62 8.89 11.97
CA ARG B 50 -5.60 10.31 12.29
C ARG B 50 -4.99 10.58 13.67
N HIS B 51 -4.08 9.71 14.07
CA HIS B 51 -3.54 9.72 15.43
C HIS B 51 -2.17 9.06 15.38
N ILE B 52 -1.14 9.79 15.82
CA ILE B 52 0.20 9.22 15.94
C ILE B 52 0.66 9.34 17.39
N ASP B 53 1.25 8.27 17.92
CA ASP B 53 1.75 8.28 19.30
C ASP B 53 3.28 8.21 19.27
N THR B 54 3.93 9.26 19.75
CA THR B 54 5.39 9.25 19.80
C THR B 54 5.83 9.64 21.21
N ALA B 55 7.11 9.95 21.39
CA ALA B 55 7.62 10.38 22.69
C ALA B 55 8.96 11.05 22.49
N ALA B 56 9.36 11.91 23.43
CA ALA B 56 10.67 12.53 23.35
C ALA B 56 11.76 11.45 23.33
N ILE B 57 11.60 10.43 24.16
CA ILE B 57 12.63 9.37 24.28
C ILE B 57 12.75 8.49 23.03
N TYR B 58 11.77 8.54 22.13
CA TYR B 58 11.86 7.73 20.91
C TYR B 58 12.81 8.37 19.91
N LYS B 59 13.10 9.66 20.13
CA LYS B 59 14.05 10.41 19.29
C LYS B 59 13.59 10.43 17.83
N ASN B 60 12.29 10.26 17.63
CA ASN B 60 11.78 10.36 16.26
C ASN B 60 10.68 11.40 16.04
N GLU B 61 10.56 12.38 16.94
CA GLU B 61 9.53 13.42 16.78
C GLU B 61 9.66 14.23 15.48
N GLU B 62 10.90 14.61 15.12
CA GLU B 62 11.15 15.32 13.85
C GLU B 62 10.61 14.55 12.65
N SER B 63 10.84 13.23 12.66
CA SER B 63 10.38 12.38 11.56
C SER B 63 8.86 12.21 11.54
N VAL B 64 8.24 12.24 12.71
CA VAL B 64 6.78 12.20 12.79
C VAL B 64 6.21 13.43 12.11
N GLY B 65 6.70 14.60 12.49
CA GLY B 65 6.26 15.84 11.88
C GLY B 65 6.53 15.87 10.38
N ALA B 66 7.70 15.41 9.98
CA ALA B 66 8.06 15.37 8.57
C ALA B 66 7.14 14.44 7.79
N GLY B 67 6.79 13.32 8.41
CA GLY B 67 5.88 12.38 7.77
C GLY B 67 4.47 12.94 7.67
N LEU B 68 4.06 13.68 8.71
CA LEU B 68 2.77 14.36 8.71
C LEU B 68 2.68 15.35 7.55
N ARG B 69 3.72 16.16 7.39
CA ARG B 69 3.74 17.13 6.30
C ARG B 69 3.76 16.44 4.95
N ALA B 70 4.47 15.32 4.85
CA ALA B 70 4.57 14.59 3.58
C ALA B 70 3.24 13.97 3.14
N SER B 71 2.30 13.82 4.07
CA SER B 71 1.05 13.13 3.80
C SER B 71 0.04 14.03 3.12
N GLY B 72 0.23 15.34 3.23
CA GLY B 72 -0.76 16.27 2.73
C GLY B 72 -1.99 16.37 3.62
N VAL B 73 -2.09 15.52 4.64
CA VAL B 73 -3.21 15.62 5.58
C VAL B 73 -3.01 16.84 6.48
N PRO B 74 -4.01 17.72 6.53
CA PRO B 74 -4.00 18.95 7.36
C PRO B 74 -3.67 18.64 8.82
N ARG B 75 -2.72 19.38 9.38
CA ARG B 75 -2.28 19.12 10.74
C ARG B 75 -3.48 19.12 11.70
N GLU B 76 -4.46 19.98 11.42
CA GLU B 76 -5.60 20.11 12.32
C GLU B 76 -6.54 18.91 12.24
N ASP B 77 -6.30 18.02 11.27
CA ASP B 77 -7.10 16.80 11.20
C ASP B 77 -6.41 15.64 11.91
N VAL B 78 -5.20 15.87 12.43
CA VAL B 78 -4.41 14.78 13.01
C VAL B 78 -4.19 15.00 14.50
N PHE B 79 -4.20 13.92 15.27
CA PHE B 79 -4.04 13.96 16.73
C PHE B 79 -2.62 13.49 17.04
N ILE B 80 -1.80 14.36 17.64
CA ILE B 80 -0.42 14.01 17.93
CA ILE B 80 -0.41 14.02 17.95
C ILE B 80 -0.21 13.89 19.44
N THR B 81 0.22 12.73 19.89
CA THR B 81 0.53 12.53 21.29
C THR B 81 2.03 12.44 21.41
N THR B 82 2.57 13.15 22.40
CA THR B 82 3.96 12.92 22.79
C THR B 82 4.11 12.87 24.31
N LYS B 83 5.32 12.59 24.79
CA LYS B 83 5.52 12.25 26.21
C LYS B 83 6.74 12.92 26.81
N LEU B 84 6.62 13.29 28.09
CA LEU B 84 7.68 13.88 28.88
C LEU B 84 8.55 12.78 29.45
N TRP B 85 9.83 12.78 29.13
CA TRP B 85 10.70 11.70 29.62
C TRP B 85 11.04 11.81 31.12
N ASN B 86 11.27 10.65 31.75
CA ASN B 86 11.49 10.51 33.20
C ASN B 86 12.54 11.47 33.76
N THR B 87 13.64 11.63 33.04
CA THR B 87 14.74 12.50 33.52
C THR B 87 14.43 13.98 33.53
N GLU B 88 13.33 14.37 32.88
CA GLU B 88 12.99 15.77 32.74
C GLU B 88 11.82 16.19 33.61
N GLN B 89 11.41 15.32 34.54
CA GLN B 89 10.32 15.69 35.45
C GLN B 89 10.79 16.79 36.37
N GLY B 90 9.85 17.49 36.98
CA GLY B 90 10.21 18.73 37.67
C GLY B 90 9.59 19.86 36.89
N TYR B 91 9.11 20.90 37.57
CA TYR B 91 8.28 21.90 36.89
C TYR B 91 9.00 22.63 35.75
N GLU B 92 10.17 23.20 36.03
CA GLU B 92 10.84 23.99 35.00
C GLU B 92 11.32 23.11 33.85
N SER B 93 11.83 21.92 34.18
CA SER B 93 12.36 21.05 33.13
C SER B 93 11.23 20.48 32.31
N THR B 94 10.05 20.36 32.92
CA THR B 94 8.88 19.91 32.17
C THR B 94 8.44 20.92 31.12
N LEU B 95 8.37 22.20 31.51
CA LEU B 95 8.05 23.23 30.53
C LEU B 95 9.07 23.22 29.38
N ALA B 96 10.35 23.06 29.71
CA ALA B 96 11.42 23.08 28.71
C ALA B 96 11.35 21.86 27.78
N ALA B 97 11.05 20.69 28.35
CA ALA B 97 10.95 19.47 27.55
C ALA B 97 9.77 19.55 26.59
N PHE B 98 8.67 20.12 27.07
CA PHE B 98 7.52 20.30 26.20
C PHE B 98 7.87 21.17 25.01
N GLU B 99 8.56 22.28 25.27
CA GLU B 99 8.94 23.19 24.21
C GLU B 99 9.82 22.48 23.18
N GLU B 100 10.74 21.64 23.68
CA GLU B 100 11.65 20.92 22.78
C GLU B 100 10.89 19.94 21.90
N SER B 101 9.93 19.24 22.50
CA SER B 101 9.05 18.33 21.76
C SER B 101 8.27 19.08 20.69
N ARG B 102 7.72 20.24 21.05
CA ARG B 102 6.93 21.06 20.12
C ARG B 102 7.77 21.47 18.90
N GLN B 103 8.97 21.97 19.18
CA GLN B 103 9.86 22.44 18.12
C GLN B 103 10.26 21.30 17.18
N LYS B 104 10.52 20.11 17.75
CA LYS B 104 10.93 18.98 16.92
C LYS B 104 9.77 18.54 16.05
N LEU B 105 8.56 18.49 16.62
CA LEU B 105 7.38 18.08 15.86
C LEU B 105 7.01 19.10 14.80
N GLY B 106 7.46 20.33 14.98
CA GLY B 106 7.20 21.40 14.02
C GLY B 106 5.78 21.92 14.08
N VAL B 107 5.16 21.87 15.25
CA VAL B 107 3.77 22.29 15.42
C VAL B 107 3.62 23.42 16.43
N ASP B 108 2.50 24.13 16.40
CA ASP B 108 2.25 25.19 17.37
C ASP B 108 1.63 24.67 18.66
N TYR B 109 0.91 23.56 18.57
CA TYR B 109 0.26 22.98 19.75
C TYR B 109 0.40 21.48 19.64
N ILE B 110 0.35 20.78 20.77
CA ILE B 110 0.34 19.31 20.78
C ILE B 110 -1.07 18.87 21.22
N ASP B 111 -1.58 17.76 20.69
CA ASP B 111 -2.92 17.34 21.08
C ASP B 111 -3.01 16.71 22.46
N LEU B 112 -2.10 15.77 22.75
CA LEU B 112 -2.04 15.13 24.06
C LEU B 112 -0.59 15.07 24.52
N TYR B 113 -0.35 15.52 25.75
CA TYR B 113 0.98 15.39 26.36
C TYR B 113 0.83 14.51 27.59
N LEU B 114 1.71 13.52 27.71
CA LEU B 114 1.65 12.52 28.80
C LEU B 114 2.92 12.50 29.63
N ILE B 115 2.77 12.27 30.93
CA ILE B 115 3.91 11.92 31.76
C ILE B 115 4.27 10.47 31.44
N HIS B 116 5.47 10.20 30.93
CA HIS B 116 5.80 8.88 30.37
C HIS B 116 5.75 7.74 31.41
N TRP B 117 6.35 7.97 32.60
CA TRP B 117 6.32 7.00 33.70
C TRP B 117 6.27 7.78 35.00
N PRO B 118 5.69 7.19 36.05
CA PRO B 118 5.79 7.84 37.36
C PRO B 118 7.23 7.80 37.92
N ARG B 119 8.03 6.85 37.41
CA ARG B 119 9.33 6.39 37.91
C ARG B 119 9.15 5.35 39.01
N GLY B 120 10.12 4.44 39.16
CA GLY B 120 9.95 3.33 40.08
C GLY B 120 10.00 3.74 41.55
N LYS B 121 9.54 2.85 42.43
CA LYS B 121 9.34 3.20 43.82
C LYS B 121 10.61 3.56 44.55
N ASP B 122 11.75 2.98 44.14
CA ASP B 122 13.03 3.32 44.78
C ASP B 122 13.49 4.73 44.42
N ILE B 123 13.28 5.11 43.16
CA ILE B 123 13.57 6.47 42.74
C ILE B 123 12.58 7.44 43.40
N LEU B 124 11.32 7.04 43.51
CA LEU B 124 10.33 7.90 44.18
C LEU B 124 10.69 8.12 45.66
N SER B 125 11.24 7.10 46.30
CA SER B 125 11.61 7.18 47.70
CA SER B 125 11.59 7.20 47.70
C SER B 125 12.77 8.15 47.87
N LYS B 126 13.74 8.04 46.96
CA LYS B 126 14.95 8.87 47.06
C LYS B 126 14.75 10.31 46.57
N GLU B 127 14.03 10.49 45.46
CA GLU B 127 13.96 11.80 44.79
C GLU B 127 12.62 12.51 44.91
N GLY B 128 11.61 11.83 45.45
CA GLY B 128 10.31 12.44 45.64
C GLY B 128 9.40 12.16 44.46
N LYS B 129 8.10 12.40 44.65
CA LYS B 129 7.14 12.14 43.59
C LYS B 129 7.12 13.33 42.65
N LYS B 130 8.14 13.44 41.80
CA LYS B 130 8.29 14.59 40.90
C LYS B 130 7.23 14.62 39.84
N TYR B 131 6.52 13.52 39.66
CA TYR B 131 5.40 13.54 38.72
C TYR B 131 4.30 14.49 39.15
N LEU B 132 4.21 14.76 40.45
CA LEU B 132 3.17 15.71 40.88
C LEU B 132 3.53 17.13 40.47
N ASP B 133 4.80 17.50 40.60
CA ASP B 133 5.26 18.81 40.15
C ASP B 133 5.11 18.92 38.64
N SER B 134 5.43 17.85 37.91
CA SER B 134 5.27 17.89 36.48
C SER B 134 3.80 18.06 36.13
N TRP B 135 2.90 17.46 36.93
CA TRP B 135 1.48 17.61 36.64
C TRP B 135 1.05 19.06 36.78
N ARG B 136 1.57 19.77 37.77
CA ARG B 136 1.26 21.20 37.82
C ARG B 136 1.75 21.94 36.57
N ALA B 137 2.91 21.57 36.04
CA ALA B 137 3.39 22.19 34.81
C ALA B 137 2.48 21.83 33.63
N PHE B 138 1.98 20.59 33.58
CA PHE B 138 1.04 20.21 32.52
C PHE B 138 -0.21 21.09 32.60
N GLU B 139 -0.69 21.33 33.83
CA GLU B 139 -1.84 22.22 34.00
C GLU B 139 -1.59 23.66 33.49
N GLN B 140 -0.37 24.15 33.62
CA GLN B 140 -0.06 25.47 33.05
C GLN B 140 -0.09 25.45 31.53
N LEU B 141 0.56 24.45 30.94
CA LEU B 141 0.59 24.26 29.48
C LEU B 141 -0.84 24.15 28.95
N TYR B 142 -1.70 23.46 29.68
CA TYR B 142 -3.11 23.33 29.31
C TYR B 142 -3.82 24.69 29.40
N LYS B 143 -3.58 25.42 30.49
CA LYS B 143 -4.20 26.73 30.65
C LYS B 143 -3.76 27.69 29.55
N GLU B 144 -2.49 27.56 29.13
CA GLU B 144 -1.93 28.40 28.07
C GLU B 144 -2.36 28.04 26.66
N LYS B 145 -3.16 26.98 26.52
CA LYS B 145 -3.68 26.52 25.22
C LYS B 145 -2.60 25.89 24.33
N LYS B 146 -1.48 25.52 24.94
CA LYS B 146 -0.36 24.95 24.22
C LYS B 146 -0.60 23.48 23.93
N VAL B 147 -1.50 22.88 24.69
CA VAL B 147 -1.79 21.44 24.57
C VAL B 147 -3.30 21.29 24.75
N ARG B 148 -3.92 20.40 23.98
CA ARG B 148 -5.38 20.30 23.98
C ARG B 148 -5.89 19.33 25.04
N ALA B 149 -5.03 18.41 25.47
CA ALA B 149 -5.40 17.45 26.52
C ALA B 149 -4.14 17.00 27.27
N ILE B 150 -4.31 16.62 28.53
CA ILE B 150 -3.18 16.16 29.33
C ILE B 150 -3.50 14.88 30.06
N GLY B 151 -2.51 14.01 30.17
CA GLY B 151 -2.72 12.72 30.76
C GLY B 151 -1.43 12.13 31.27
N VAL B 152 -1.46 10.85 31.60
CA VAL B 152 -0.30 10.15 32.14
C VAL B 152 -0.13 8.80 31.46
N SER B 153 0.97 8.15 31.74
CA SER B 153 1.23 6.84 31.17
C SER B 153 1.84 6.02 32.29
N ASN B 154 1.45 4.75 32.38
CA ASN B 154 2.05 3.82 33.34
C ASN B 154 1.78 4.15 34.80
N PHE B 155 0.67 4.81 35.03
CA PHE B 155 0.21 5.08 36.39
C PHE B 155 -0.69 3.98 36.91
N HIS B 156 -0.36 3.48 38.09
CA HIS B 156 -1.23 2.57 38.79
C HIS B 156 -2.25 3.38 39.58
N ILE B 157 -3.25 2.69 40.09
CA ILE B 157 -4.28 3.33 40.89
C ILE B 157 -3.65 4.24 41.96
N HIS B 158 -2.67 3.71 42.70
CA HIS B 158 -2.10 4.57 43.76
C HIS B 158 -1.42 5.85 43.23
N HIS B 159 -0.81 5.78 42.05
CA HIS B 159 -0.20 6.96 41.47
C HIS B 159 -1.29 7.91 41.06
N LEU B 160 -2.36 7.38 40.47
CA LEU B 160 -3.48 8.22 40.07
C LEU B 160 -4.11 8.90 41.29
N GLU B 161 -4.20 8.19 42.40
CA GLU B 161 -4.75 8.78 43.62
C GLU B 161 -3.91 9.95 44.11
N ASP B 162 -2.58 9.85 43.95
CA ASP B 162 -1.68 10.93 44.35
C ASP B 162 -2.00 12.18 43.53
N VAL B 163 -2.16 12.00 42.22
CA VAL B 163 -2.50 13.12 41.34
C VAL B 163 -3.86 13.70 41.69
N LEU B 164 -4.84 12.82 41.90
CA LEU B 164 -6.22 13.26 42.10
C LEU B 164 -6.34 14.07 43.38
N ALA B 165 -5.39 13.89 44.29
CA ALA B 165 -5.47 14.59 45.57
C ALA B 165 -4.95 16.01 45.45
N MET B 166 -4.24 16.31 44.37
CA MET B 166 -3.59 17.62 44.23
C MET B 166 -3.94 18.38 42.97
N CYS B 167 -4.66 17.74 42.06
CA CYS B 167 -4.90 18.32 40.72
C CYS B 167 -6.01 19.34 40.69
N THR B 168 -5.92 20.24 39.72
CA THR B 168 -7.02 21.14 39.37
C THR B 168 -7.67 20.67 38.08
N VAL B 169 -6.90 19.89 37.31
CA VAL B 169 -7.40 19.25 36.08
C VAL B 169 -7.11 17.77 36.21
N THR B 170 -8.15 16.95 36.03
CA THR B 170 -8.03 15.48 36.15
C THR B 170 -7.35 14.96 34.90
N PRO B 171 -6.34 14.09 35.04
CA PRO B 171 -5.71 13.48 33.85
C PRO B 171 -6.77 12.84 32.93
N MET B 172 -6.59 12.96 31.63
CA MET B 172 -7.67 12.62 30.70
C MET B 172 -7.47 11.28 30.05
N VAL B 173 -6.21 10.82 30.09
CA VAL B 173 -5.79 9.56 29.49
C VAL B 173 -4.77 8.92 30.42
N ASN B 174 -4.82 7.59 30.53
CA ASN B 174 -3.77 6.81 31.18
C ASN B 174 -3.39 5.72 30.21
N GLN B 175 -2.20 5.83 29.62
CA GLN B 175 -1.72 4.86 28.65
C GLN B 175 -0.91 3.77 29.38
N VAL B 176 -1.38 2.52 29.31
CA VAL B 176 -0.73 1.41 30.02
C VAL B 176 -0.64 0.18 29.16
N GLU B 177 0.31 -0.69 29.49
CA GLU B 177 0.44 -1.96 28.78
C GLU B 177 -0.86 -2.72 28.96
N LEU B 178 -1.50 -3.06 27.86
CA LEU B 178 -2.78 -3.72 27.96
C LEU B 178 -3.01 -4.58 26.73
N HIS B 179 -3.19 -5.87 26.97
CA HIS B 179 -3.38 -6.84 25.92
C HIS B 179 -4.02 -8.06 26.59
N PRO B 180 -4.46 -9.06 25.82
CA PRO B 180 -5.19 -10.17 26.44
C PRO B 180 -4.47 -10.93 27.56
N LEU B 181 -3.14 -10.81 27.70
CA LEU B 181 -2.43 -11.48 28.80
C LEU B 181 -2.26 -10.58 30.01
N ASN B 182 -2.56 -9.29 29.83
CA ASN B 182 -2.51 -8.30 30.91
C ASN B 182 -3.63 -7.31 30.67
N ASN B 183 -4.85 -7.61 31.09
CA ASN B 183 -5.98 -6.83 30.60
C ASN B 183 -6.43 -5.68 31.47
N GLN B 184 -5.72 -5.48 32.59
CA GLN B 184 -5.85 -4.26 33.38
C GLN B 184 -7.26 -4.00 33.85
N ALA B 185 -7.98 -5.07 34.22
CA ALA B 185 -9.39 -4.97 34.60
C ALA B 185 -9.59 -4.00 35.75
N ASP B 186 -8.77 -4.14 36.79
CA ASP B 186 -8.94 -3.34 38.01
C ASP B 186 -8.64 -1.86 37.75
N LEU B 187 -7.58 -1.58 37.00
CA LEU B 187 -7.24 -0.21 36.61
C LEU B 187 -8.32 0.42 35.72
N ARG B 188 -8.87 -0.35 34.79
CA ARG B 188 -9.99 0.16 33.97
C ARG B 188 -11.20 0.56 34.79
N ALA B 189 -11.50 -0.23 35.81
CA ALA B 189 -12.67 0.04 36.63
C ALA B 189 -12.46 1.35 37.35
N PHE B 190 -11.26 1.53 37.90
CA PHE B 190 -10.97 2.79 38.58
C PHE B 190 -11.02 3.99 37.62
N CYS B 191 -10.37 3.86 36.46
CA CYS B 191 -10.30 4.95 35.52
C CYS B 191 -11.70 5.34 35.01
N ASP B 192 -12.55 4.33 34.80
CA ASP B 192 -13.95 4.60 34.46
C ASP B 192 -14.65 5.48 35.51
N ALA B 193 -14.44 5.18 36.78
CA ALA B 193 -15.06 5.97 37.85
C ALA B 193 -14.58 7.42 37.80
N LYS B 194 -13.33 7.61 37.43
CA LYS B 194 -12.69 8.93 37.47
C LYS B 194 -12.66 9.65 36.12
N GLN B 195 -13.34 9.08 35.12
CA GLN B 195 -13.37 9.65 33.77
C GLN B 195 -12.00 9.81 33.11
N ILE B 196 -11.12 8.85 33.37
CA ILE B 196 -9.81 8.80 32.74
C ILE B 196 -9.88 7.74 31.65
N LYS B 197 -9.60 8.11 30.40
CA LYS B 197 -9.66 7.12 29.35
C LYS B 197 -8.41 6.27 29.33
N VAL B 198 -8.61 4.96 29.21
CA VAL B 198 -7.49 4.03 29.20
C VAL B 198 -7.06 3.77 27.76
N GLU B 199 -5.75 3.83 27.53
CA GLU B 199 -5.21 3.61 26.20
C GLU B 199 -4.19 2.47 26.27
N ALA B 200 -4.24 1.54 25.31
CA ALA B 200 -3.43 0.34 25.44
C ALA B 200 -2.10 0.50 24.71
N TRP B 201 -0.98 0.34 25.41
CA TRP B 201 0.30 0.20 24.72
C TRP B 201 0.76 -1.25 24.63
N SER B 202 1.67 -1.53 23.70
CA SER B 202 1.93 -2.92 23.31
C SER B 202 0.63 -3.73 23.19
N PRO B 203 -0.34 -3.20 22.43
CA PRO B 203 -1.62 -3.91 22.34
C PRO B 203 -1.49 -5.28 21.63
N LEU B 204 -0.44 -5.48 20.83
CA LEU B 204 -0.20 -6.76 20.17
C LEU B 204 0.86 -7.55 20.95
N GLY B 205 1.09 -7.16 22.19
CA GLY B 205 2.11 -7.84 22.99
C GLY B 205 3.48 -7.74 22.36
N GLN B 206 3.74 -6.62 21.67
CA GLN B 206 5.02 -6.38 20.98
C GLN B 206 5.24 -7.41 19.90
N GLY B 207 4.14 -7.96 19.39
CA GLY B 207 4.23 -8.98 18.37
C GLY B 207 4.25 -10.41 18.91
N LYS B 208 4.41 -10.57 20.21
CA LYS B 208 4.60 -11.91 20.78
C LYS B 208 3.30 -12.69 20.92
N LEU B 209 2.17 -12.00 20.84
CA LEU B 209 0.86 -12.65 20.99
C LEU B 209 0.30 -13.15 19.65
N LEU B 210 0.99 -12.86 18.57
CA LEU B 210 0.34 -13.05 17.29
C LEU B 210 0.37 -14.50 16.83
N SER B 211 1.08 -15.35 17.55
CA SER B 211 1.11 -16.78 17.24
C SER B 211 0.17 -17.53 18.17
N ASN B 212 -0.61 -16.79 18.95
CA ASN B 212 -1.55 -17.43 19.86
C ASN B 212 -2.64 -18.24 19.15
N PRO B 213 -2.75 -19.53 19.48
CA PRO B 213 -3.72 -20.46 18.89
C PRO B 213 -5.17 -20.02 19.02
N ILE B 214 -5.57 -19.58 20.22
CA ILE B 214 -6.95 -19.16 20.45
C ILE B 214 -7.26 -17.95 19.58
N LEU B 215 -6.39 -16.94 19.63
CA LEU B 215 -6.60 -15.73 18.87
C LEU B 215 -6.62 -15.99 17.37
N SER B 216 -5.77 -16.91 16.91
CA SER B 216 -5.68 -17.15 15.47
C SER B 216 -6.93 -17.89 14.99
N ALA B 217 -7.42 -18.80 15.81
CA ALA B 217 -8.63 -19.55 15.46
C ALA B 217 -9.86 -18.65 15.47
N ILE B 218 -9.90 -17.69 16.39
CA ILE B 218 -11.01 -16.73 16.43
C ILE B 218 -11.00 -15.92 15.14
N GLY B 219 -9.81 -15.47 14.75
CA GLY B 219 -9.64 -14.76 13.50
C GLY B 219 -10.14 -15.52 12.29
N ALA B 220 -9.78 -16.79 12.21
CA ALA B 220 -10.11 -17.60 11.04
C ALA B 220 -11.63 -17.66 10.78
N LYS B 221 -12.41 -17.52 11.86
CA LYS B 221 -13.85 -17.49 11.75
C LYS B 221 -14.36 -16.29 10.95
N TYR B 222 -13.59 -15.21 10.96
CA TYR B 222 -14.01 -13.95 10.39
C TYR B 222 -13.11 -13.58 9.23
N ASN B 223 -12.19 -14.47 8.88
CA ASN B 223 -11.16 -14.19 7.88
C ASN B 223 -10.28 -13.00 8.29
N LYS B 224 -9.93 -12.94 9.57
CA LYS B 224 -9.10 -11.87 10.11
C LYS B 224 -7.88 -12.50 10.80
N THR B 225 -6.81 -11.71 10.98
CA THR B 225 -5.60 -12.20 11.62
C THR B 225 -5.70 -12.09 13.12
N ALA B 226 -4.73 -12.66 13.83
CA ALA B 226 -4.72 -12.58 15.30
C ALA B 226 -4.60 -11.14 15.69
N ALA B 227 -3.81 -10.38 14.94
CA ALA B 227 -3.60 -8.97 15.20
C ALA B 227 -4.92 -8.23 15.11
N GLN B 228 -5.68 -8.51 14.06
CA GLN B 228 -6.97 -7.85 13.90
C GLN B 228 -7.96 -8.23 15.00
N VAL B 229 -7.91 -9.47 15.45
CA VAL B 229 -8.77 -9.89 16.54
C VAL B 229 -8.49 -9.10 17.82
N ILE B 230 -7.21 -8.95 18.14
CA ILE B 230 -6.84 -8.22 19.34
C ILE B 230 -7.34 -6.78 19.28
N LEU B 231 -7.14 -6.12 18.15
CA LEU B 231 -7.47 -4.71 18.05
C LEU B 231 -8.97 -4.51 18.02
N ARG B 232 -9.71 -5.44 17.43
CA ARG B 232 -11.17 -5.38 17.50
C ARG B 232 -11.63 -5.55 18.95
N TRP B 233 -10.97 -6.44 19.68
CA TRP B 233 -11.22 -6.60 21.11
C TRP B 233 -10.95 -5.29 21.86
N ASN B 234 -9.84 -4.62 21.58
CA ASN B 234 -9.65 -3.26 22.12
C ASN B 234 -10.84 -2.35 21.83
N ILE B 235 -11.27 -2.32 20.57
CA ILE B 235 -12.35 -1.41 20.16
C ILE B 235 -13.63 -1.63 20.97
N GLN B 236 -14.01 -2.90 21.07
CA GLN B 236 -15.23 -3.27 21.77
C GLN B 236 -15.12 -3.10 23.29
N LYS B 237 -13.90 -3.03 23.82
CA LYS B 237 -13.71 -2.72 25.22
C LYS B 237 -13.66 -1.21 25.42
N ASN B 238 -13.88 -0.46 24.34
CA ASN B 238 -13.89 1.01 24.37
C ASN B 238 -12.54 1.61 24.73
N LEU B 239 -11.48 0.90 24.37
CA LEU B 239 -10.12 1.36 24.64
C LEU B 239 -9.56 2.09 23.43
N ILE B 240 -8.64 2.99 23.71
CA ILE B 240 -7.86 3.64 22.67
C ILE B 240 -6.67 2.70 22.44
N THR B 241 -6.31 2.49 21.18
CA THR B 241 -5.24 1.53 20.89
C THR B 241 -4.29 2.06 19.83
N ILE B 242 -3.01 1.77 20.00
CA ILE B 242 -1.97 2.36 19.16
C ILE B 242 -0.97 1.32 18.66
N PRO B 243 -1.41 0.35 17.86
CA PRO B 243 -0.43 -0.67 17.46
C PRO B 243 0.67 -0.06 16.60
N LYS B 244 1.87 -0.62 16.68
CA LYS B 244 3.00 -0.11 15.92
C LYS B 244 3.39 -1.04 14.79
N SER B 245 3.64 -0.50 13.61
CA SER B 245 4.38 -1.25 12.59
C SER B 245 5.18 -0.27 11.74
N VAL B 246 6.27 -0.75 11.16
CA VAL B 246 7.02 0.05 10.22
C VAL B 246 6.70 -0.41 8.80
N HIS B 247 5.87 -1.44 8.68
CA HIS B 247 5.56 -2.02 7.38
C HIS B 247 4.19 -1.58 6.88
N ARG B 248 4.15 -1.07 5.65
CA ARG B 248 2.92 -0.56 5.07
C ARG B 248 1.76 -1.54 5.08
N GLU B 249 2.04 -2.80 4.73
CA GLU B 249 0.96 -3.80 4.68
C GLU B 249 0.37 -4.10 6.05
N ARG B 250 1.20 -4.09 7.10
CA ARG B 250 0.69 -4.32 8.46
C ARG B 250 -0.04 -3.10 9.02
N ILE B 251 0.44 -1.91 8.69
CA ILE B 251 -0.21 -0.69 9.12
C ILE B 251 -1.64 -0.70 8.60
N GLU B 252 -1.80 -1.17 7.36
CA GLU B 252 -3.13 -1.26 6.75
C GLU B 252 -3.96 -2.41 7.31
N GLU B 253 -3.35 -3.59 7.45
CA GLU B 253 -4.03 -4.72 8.09
C GLU B 253 -4.63 -4.34 9.45
N ASN B 254 -3.81 -3.73 10.29
CA ASN B 254 -4.23 -3.39 11.64
C ASN B 254 -5.45 -2.50 11.69
N ALA B 255 -5.56 -1.59 10.73
CA ALA B 255 -6.67 -0.66 10.73
C ALA B 255 -7.93 -1.25 10.13
N ASP B 256 -7.82 -2.40 9.47
CA ASP B 256 -8.98 -3.00 8.81
C ASP B 256 -9.81 -3.83 9.79
N ILE B 257 -10.38 -3.16 10.80
CA ILE B 257 -11.14 -3.88 11.83
C ILE B 257 -12.56 -3.34 12.08
N PHE B 258 -13.06 -2.52 11.16
CA PHE B 258 -14.35 -1.90 11.37
C PHE B 258 -15.42 -2.51 10.48
N ASP B 259 -15.11 -3.69 9.94
CA ASP B 259 -16.03 -4.38 9.06
C ASP B 259 -16.49 -5.72 9.66
N PHE B 260 -16.12 -5.98 10.91
CA PHE B 260 -16.59 -7.19 11.59
C PHE B 260 -16.78 -6.94 13.07
N GLU B 261 -17.28 -7.95 13.78
CA GLU B 261 -17.52 -7.80 15.22
C GLU B 261 -17.28 -9.11 15.94
N LEU B 262 -16.62 -9.04 17.09
CA LEU B 262 -16.43 -10.24 17.89
C LEU B 262 -17.71 -10.50 18.66
N GLY B 263 -18.17 -11.76 18.63
CA GLY B 263 -19.35 -12.13 19.38
C GLY B 263 -19.05 -12.22 20.86
N ALA B 264 -20.10 -12.33 21.66
CA ALA B 264 -19.96 -12.45 23.11
C ALA B 264 -19.02 -13.58 23.52
N GLU B 265 -19.16 -14.75 22.89
CA GLU B 265 -18.38 -15.92 23.28
C GLU B 265 -16.90 -15.73 22.96
N ASP B 266 -16.62 -15.09 21.83
CA ASP B 266 -15.24 -14.79 21.45
C ASP B 266 -14.60 -13.80 22.39
N VAL B 267 -15.35 -12.75 22.74
CA VAL B 267 -14.86 -11.75 23.69
C VAL B 267 -14.58 -12.42 25.03
N MET B 268 -15.45 -13.35 25.43
CA MET B 268 -15.24 -14.11 26.64
CA MET B 268 -15.22 -14.08 26.66
C MET B 268 -13.94 -14.91 26.58
N SER B 269 -13.71 -15.61 25.48
CA SER B 269 -12.54 -16.46 25.33
CA SER B 269 -12.53 -16.46 25.36
C SER B 269 -11.24 -15.65 25.36
N ILE B 270 -11.30 -14.43 24.84
CA ILE B 270 -10.15 -13.54 24.84
C ILE B 270 -9.94 -13.02 26.25
N ASP B 271 -11.03 -12.66 26.93
CA ASP B 271 -10.95 -12.24 28.34
C ASP B 271 -10.29 -13.33 29.20
N ALA B 272 -10.56 -14.58 28.85
CA ALA B 272 -10.07 -15.71 29.62
C ALA B 272 -8.55 -15.88 29.53
N LEU B 273 -7.90 -15.19 28.59
CA LEU B 273 -6.48 -15.40 28.42
C LEU B 273 -5.62 -14.67 29.46
N ASN B 274 -6.22 -13.74 30.19
CA ASN B 274 -5.47 -12.89 31.11
C ASN B 274 -4.68 -13.65 32.14
N THR B 275 -3.40 -13.30 32.29
CA THR B 275 -2.55 -13.91 33.31
C THR B 275 -1.82 -12.83 34.09
N ASN B 276 -2.21 -11.56 33.87
CA ASN B 276 -1.50 -10.42 34.44
C ASN B 276 -0.01 -10.47 34.15
N SER B 277 0.34 -10.90 32.93
CA SER B 277 1.75 -11.04 32.56
C SER B 277 2.20 -9.91 31.65
N ARG B 278 3.20 -9.15 32.11
CA ARG B 278 3.76 -8.01 31.36
C ARG B 278 4.91 -8.38 30.43
N TYR B 279 4.96 -7.75 29.27
CA TYR B 279 6.15 -7.80 28.43
C TYR B 279 7.08 -6.63 28.74
N GLY B 280 6.49 -5.54 29.26
CA GLY B 280 7.25 -4.34 29.57
C GLY B 280 7.45 -4.17 31.05
N PRO B 281 8.17 -3.11 31.45
CA PRO B 281 8.42 -2.86 32.87
C PRO B 281 7.15 -2.65 33.71
N ASP B 282 7.18 -3.17 34.95
CA ASP B 282 6.15 -2.86 35.93
C ASP B 282 6.50 -1.48 36.46
N PRO B 283 5.56 -0.51 36.38
CA PRO B 283 5.84 0.86 36.81
C PRO B 283 6.30 1.00 38.27
N ASP B 284 5.87 0.09 39.14
CA ASP B 284 6.27 0.16 40.53
C ASP B 284 7.70 -0.27 40.75
N GLU B 285 8.17 -1.20 39.92
CA GLU B 285 9.45 -1.87 40.16
C GLU B 285 10.59 -1.31 39.31
N ALA B 286 10.24 -0.54 38.28
CA ALA B 286 11.25 -0.02 37.34
C ALA B 286 12.38 0.74 38.01
N GLN B 287 13.61 0.44 37.60
CA GLN B 287 14.78 1.16 38.11
C GLN B 287 15.15 2.25 37.11
N PHE B 288 14.14 2.99 36.67
CA PHE B 288 14.31 4.20 35.86
C PHE B 288 13.06 5.03 36.02
PA NDP C . 9.49 -3.28 -17.81
O1A NDP C . 10.08 -2.66 -19.06
O2A NDP C . 8.20 -2.79 -17.25
O5B NDP C . 10.63 -3.22 -16.68
C5B NDP C . 10.47 -4.08 -15.54
C4B NDP C . 11.60 -3.88 -14.55
O4B NDP C . 11.65 -2.52 -14.06
C3B NDP C . 11.48 -4.75 -13.32
O3B NDP C . 12.82 -5.19 -13.03
C2B NDP C . 10.96 -3.84 -12.21
O2B NDP C . 11.48 -4.25 -10.95
C1B NDP C . 11.57 -2.51 -12.62
N9A NDP C . 10.74 -1.32 -12.32
C8A NDP C . 9.44 -1.14 -12.62
N7A NDP C . 9.02 0.09 -12.26
C5A NDP C . 10.07 0.74 -11.69
C6A NDP C . 10.29 2.06 -11.10
N6A NDP C . 9.28 2.96 -11.02
N1A NDP C . 11.53 2.34 -10.64
C2A NDP C . 12.54 1.45 -10.70
N3A NDP C . 12.41 0.22 -11.23
C4A NDP C . 11.21 -0.19 -11.73
O3 NDP C . 9.57 -4.88 -17.95
PN NDP C . 8.78 -6.05 -18.72
O1N NDP C . 9.81 -6.67 -19.64
O2N NDP C . 8.19 -6.92 -17.65
O5D NDP C . 7.59 -5.46 -19.65
C5D NDP C . 6.32 -5.12 -19.11
C4D NDP C . 5.30 -6.17 -19.47
O4D NDP C . 5.23 -6.39 -20.90
C3D NDP C . 5.62 -7.58 -18.98
O3D NDP C . 5.46 -7.75 -17.57
C2D NDP C . 4.68 -8.40 -19.82
O2D NDP C . 3.35 -8.24 -19.28
C1D NDP C . 4.76 -7.70 -21.17
N1N NDP C . 5.72 -8.41 -22.04
C2N NDP C . 5.26 -9.05 -23.12
C3N NDP C . 6.12 -9.73 -23.97
C7N NDP C . 5.63 -10.41 -25.20
O7N NDP C . 6.37 -11.21 -25.77
N7N NDP C . 4.41 -10.09 -25.66
C4N NDP C . 7.60 -9.80 -23.71
C5N NDP C . 7.98 -9.09 -22.50
C6N NDP C . 7.03 -8.43 -21.73
P2B NDP C . 10.57 -4.86 -9.78
O1X NDP C . 9.99 -3.68 -9.05
O2X NDP C . 9.52 -5.73 -10.46
O3X NDP C . 11.58 -5.65 -8.96
PA NDP D . 2.81 -3.57 19.41
O1A NDP D . 2.12 -4.35 20.50
O2A NDP D . 2.03 -2.63 18.55
O5B NDP D . 3.54 -4.66 18.50
C5B NDP D . 4.52 -4.19 17.56
C4B NDP D . 5.23 -5.40 16.94
O4B NDP D . 4.30 -6.22 16.23
C3B NDP D . 6.29 -4.97 15.94
O3B NDP D . 7.39 -5.89 16.08
C2B NDP D . 5.60 -5.13 14.60
O2B NDP D . 6.55 -5.43 13.58
C1B NDP D . 4.65 -6.28 14.84
N9A NDP D . 3.35 -6.17 14.12
C8A NDP D . 2.53 -5.08 14.11
N7A NDP D . 1.41 -5.32 13.38
C5A NDP D . 1.51 -6.59 12.91
C6A NDP D . 0.67 -7.48 12.08
N6A NDP D . -0.52 -7.04 11.62
N1A NDP D . 1.12 -8.72 11.83
C2A NDP D . 2.30 -9.16 12.30
N3A NDP D . 3.13 -8.41 13.06
C4A NDP D . 2.78 -7.14 13.42
O3 NDP D . 4.13 -2.97 20.09
PN NDP D . 4.52 -1.58 20.82
O1N NDP D . 5.16 -2.15 22.07
O2N NDP D . 5.41 -0.77 19.87
O5D NDP D . 3.20 -0.77 21.29
C5D NDP D . 2.57 0.14 20.38
C4D NDP D . 2.80 1.60 20.79
O4D NDP D . 2.52 1.83 22.16
C3D NDP D . 4.28 1.95 20.73
O3D NDP D . 4.79 2.03 19.41
C2D NDP D . 4.30 3.25 21.49
O2D NDP D . 3.74 4.29 20.65
C1D NDP D . 3.35 2.91 22.63
N1N NDP D . 4.09 2.47 23.83
C2N NDP D . 4.06 3.24 24.93
C3N NDP D . 4.75 2.91 26.07
C7N NDP D . 4.67 3.79 27.28
O7N NDP D . 5.48 3.56 28.18
N7N NDP D . 3.72 4.75 27.37
C4N NDP D . 5.57 1.65 26.18
C5N NDP D . 5.54 0.89 24.94
C6N NDP D . 4.80 1.32 23.83
P2B NDP D . 7.03 -4.38 12.46
O1X NDP D . 6.03 -4.59 11.32
O2X NDP D . 8.42 -4.92 12.17
O3X NDP D . 6.99 -3.03 13.11
#